data_1ESD
#
_entry.id   1ESD
#
_cell.length_a   131.133
_cell.length_b   48.596
_cell.length_c   70.353
_cell.angle_alpha   90.00
_cell.angle_beta   118.03
_cell.angle_gamma   90.00
#
_symmetry.space_group_name_H-M   'C 1 2 1'
#
loop_
_entity.id
_entity.type
_entity.pdbx_description
1 polymer ESTERASE
2 non-polymer 'METHYLPHOSPHONIC ACID ESTER GROUP'
3 water water
#
_entity_poly.entity_id   1
_entity_poly.type   'polypeptide(L)'
_entity_poly.pdbx_seq_one_letter_code
;APADPVPTVFFGDSYTANFGIAPVTNQDSERGWCFQAKENYPAVATRSLADKGITLDVQADVSCGGALIHHFWEKQELPF
GAGELPPQQDALKQDTQLTVGSLGGNTLGFNRILKQCSDELRKPSLLPGDPVDGDEPAAKCGEFFGTGDGKQWLDDQFER
VGAELEELLDRIGYFAPDAKRVLVGYPRLVPEDTTKCLTAAPGQTQLPFADIPQDALPVLDQIQKRLNDAMKKAAADGGA
DFVDLYAGTGANTACDGADRGIGGLLEDSQLELLGTKIPWYAHPNDKGRDIQAKQVADKIEEILNR
;
_entity_poly.pdbx_strand_id   A
#
# COMPACT_ATOMS: atom_id res chain seq x y z
N ASP A 4 -26.92 0.28 -14.81
CA ASP A 4 -26.15 1.49 -15.08
C ASP A 4 -24.69 1.39 -14.65
N PRO A 5 -23.86 1.72 -15.63
CA PRO A 5 -22.43 1.75 -15.37
C PRO A 5 -22.20 2.85 -14.34
N VAL A 6 -21.18 2.71 -13.52
CA VAL A 6 -20.74 3.67 -12.49
C VAL A 6 -19.36 4.05 -13.01
N PRO A 7 -19.11 5.03 -13.82
CA PRO A 7 -17.70 5.27 -14.24
C PRO A 7 -16.71 5.23 -13.07
N THR A 8 -15.61 4.45 -13.00
CA THR A 8 -14.74 4.38 -11.85
C THR A 8 -13.27 4.56 -12.18
N VAL A 9 -12.48 5.22 -11.33
CA VAL A 9 -11.02 5.29 -11.58
C VAL A 9 -10.41 4.71 -10.33
N PHE A 10 -9.47 3.85 -10.46
CA PHE A 10 -8.67 3.16 -9.40
C PHE A 10 -7.30 3.82 -9.58
N PHE A 11 -6.75 4.21 -8.46
CA PHE A 11 -5.50 4.96 -8.35
C PHE A 11 -4.76 4.39 -7.16
N GLY A 12 -3.57 4.83 -6.86
CA GLY A 12 -2.84 4.36 -5.70
C GLY A 12 -1.41 3.82 -5.89
N ASP A 13 -0.89 3.14 -4.89
CA ASP A 13 0.44 2.61 -4.76
C ASP A 13 0.47 1.09 -4.74
N SER A 14 1.56 0.56 -4.20
CA SER A 14 1.76 -0.95 -4.21
C SER A 14 0.77 -1.72 -3.57
N TYR A 15 -0.06 -1.24 -2.64
CA TYR A 15 -1.17 -1.87 -1.96
C TYR A 15 -2.41 -1.84 -2.81
N THR A 16 -2.49 -1.18 -3.93
CA THR A 16 -3.66 -1.14 -4.79
C THR A 16 -3.41 -1.91 -6.09
N ALA A 17 -2.17 -1.72 -6.54
CA ALA A 17 -1.56 -2.41 -7.68
C ALA A 17 -1.31 -3.86 -7.22
N ASN A 18 -1.02 -4.18 -5.99
CA ASN A 18 -0.81 -5.48 -5.44
C ASN A 18 0.47 -6.13 -6.00
N PHE A 19 1.53 -5.49 -5.67
CA PHE A 19 2.90 -5.90 -5.94
C PHE A 19 2.97 -7.33 -5.38
N GLY A 20 3.54 -8.23 -6.16
CA GLY A 20 3.65 -9.60 -5.70
C GLY A 20 2.67 -10.57 -6.38
N ILE A 21 1.48 -10.09 -6.77
CA ILE A 21 0.48 -10.98 -7.42
C ILE A 21 0.90 -10.93 -8.88
N ALA A 22 0.95 -12.06 -9.54
CA ALA A 22 1.28 -12.18 -10.97
C ALA A 22 0.20 -13.16 -11.51
N PRO A 23 -0.06 -13.07 -12.79
CA PRO A 23 0.53 -12.12 -13.76
C PRO A 23 0.16 -10.65 -13.58
N VAL A 24 1.06 -9.84 -14.04
CA VAL A 24 1.12 -8.36 -14.10
C VAL A 24 0.43 -7.88 -15.37
N THR A 25 -0.19 -6.70 -15.40
CA THR A 25 -0.86 -6.18 -16.60
C THR A 25 0.29 -5.44 -17.27
N ASN A 26 0.29 -5.15 -18.53
CA ASN A 26 1.35 -4.44 -19.26
C ASN A 26 2.76 -5.03 -19.10
N GLN A 27 2.96 -6.33 -18.99
CA GLN A 27 4.07 -7.23 -18.85
C GLN A 27 5.23 -6.67 -19.66
N ASP A 28 4.90 -6.44 -20.88
CA ASP A 28 5.70 -5.93 -21.99
C ASP A 28 5.68 -4.44 -22.29
N SER A 29 5.23 -3.50 -21.47
CA SER A 29 5.30 -2.11 -21.95
C SER A 29 5.89 -1.38 -20.77
N GLU A 30 5.91 -0.07 -20.88
CA GLU A 30 6.50 0.69 -19.75
C GLU A 30 5.81 0.51 -18.42
N ARG A 31 4.54 0.30 -18.30
CA ARG A 31 3.80 0.15 -17.03
C ARG A 31 3.94 -1.22 -16.39
N GLY A 32 4.87 -1.96 -16.96
CA GLY A 32 5.40 -3.29 -16.57
C GLY A 32 5.98 -3.11 -15.17
N TRP A 33 6.70 -2.01 -14.96
CA TRP A 33 7.31 -1.58 -13.71
C TRP A 33 6.35 -1.01 -12.71
N CYS A 34 5.06 -1.10 -12.88
CA CYS A 34 4.12 -0.65 -11.84
C CYS A 34 3.85 -1.85 -10.94
N PHE A 35 4.13 -3.04 -11.52
CA PHE A 35 3.91 -4.36 -10.89
C PHE A 35 2.43 -4.41 -10.45
N GLN A 36 1.57 -4.03 -11.38
CA GLN A 36 0.11 -4.00 -11.27
C GLN A 36 -0.44 -5.37 -11.70
N ALA A 37 -0.82 -6.13 -10.69
CA ALA A 37 -1.36 -7.47 -10.90
C ALA A 37 -2.57 -7.33 -11.76
N LYS A 38 -2.86 -8.34 -12.53
CA LYS A 38 -4.08 -8.36 -13.38
C LYS A 38 -5.25 -8.52 -12.39
N GLU A 39 -4.94 -9.28 -11.32
CA GLU A 39 -5.99 -9.55 -10.28
C GLU A 39 -5.84 -8.86 -8.93
N ASN A 40 -5.73 -7.53 -8.95
CA ASN A 40 -5.57 -6.67 -7.76
C ASN A 40 -6.97 -6.55 -7.13
N TYR A 41 -7.00 -6.03 -5.92
CA TYR A 41 -8.27 -5.82 -5.22
C TYR A 41 -9.18 -5.07 -6.17
N PRO A 42 -8.87 -3.99 -6.87
CA PRO A 42 -9.78 -3.43 -7.87
C PRO A 42 -10.38 -4.47 -8.80
N ALA A 43 -9.69 -5.37 -9.50
CA ALA A 43 -10.32 -6.36 -10.42
C ALA A 43 -11.30 -7.23 -9.71
N VAL A 44 -10.94 -7.84 -8.63
CA VAL A 44 -11.71 -8.76 -7.80
C VAL A 44 -12.85 -7.97 -7.25
N ALA A 45 -12.77 -6.76 -6.73
CA ALA A 45 -13.98 -6.09 -6.18
C ALA A 45 -15.00 -5.91 -7.28
N THR A 46 -14.57 -5.54 -8.46
CA THR A 46 -15.41 -5.29 -9.62
C THR A 46 -16.31 -6.47 -9.90
N ARG A 47 -15.72 -7.64 -9.97
CA ARG A 47 -16.41 -8.93 -10.16
C ARG A 47 -17.36 -9.17 -8.99
N SER A 48 -16.80 -9.23 -7.77
CA SER A 48 -17.77 -9.39 -6.65
C SER A 48 -18.95 -8.44 -6.78
N LEU A 49 -18.69 -7.16 -7.03
CA LEU A 49 -19.83 -6.20 -7.13
C LEU A 49 -20.76 -6.56 -8.28
N ALA A 50 -20.17 -6.92 -9.42
CA ALA A 50 -21.03 -7.24 -10.58
C ALA A 50 -22.07 -8.26 -10.19
N ASP A 51 -21.62 -9.38 -9.62
CA ASP A 51 -22.74 -10.35 -9.32
C ASP A 51 -23.55 -9.91 -8.11
N LYS A 52 -23.35 -8.75 -7.53
CA LYS A 52 -24.27 -8.35 -6.45
C LYS A 52 -25.14 -7.28 -7.18
N GLY A 53 -24.91 -7.32 -8.51
CA GLY A 53 -25.55 -6.43 -9.45
C GLY A 53 -25.02 -5.01 -9.52
N ILE A 54 -23.89 -4.64 -8.90
CA ILE A 54 -23.40 -3.24 -9.01
C ILE A 54 -22.43 -3.29 -10.17
N THR A 55 -22.63 -2.42 -11.13
CA THR A 55 -21.83 -2.37 -12.38
C THR A 55 -20.96 -1.12 -12.52
N LEU A 56 -19.69 -1.36 -12.25
CA LEU A 56 -18.62 -0.40 -12.32
C LEU A 56 -18.15 -0.33 -13.76
N ASP A 57 -17.96 0.80 -14.37
CA ASP A 57 -17.45 0.80 -15.76
C ASP A 57 -16.09 1.44 -15.49
N VAL A 58 -15.12 0.60 -15.29
CA VAL A 58 -13.76 0.99 -14.92
C VAL A 58 -13.13 1.70 -16.07
N GLN A 59 -12.82 2.95 -15.85
CA GLN A 59 -12.25 3.88 -16.81
C GLN A 59 -10.73 3.79 -16.71
N ALA A 60 -10.11 3.51 -15.58
CA ALA A 60 -8.66 3.47 -15.60
C ALA A 60 -8.23 2.78 -14.31
N ASP A 61 -7.02 2.15 -14.32
CA ASP A 61 -6.60 1.59 -13.00
C ASP A 61 -5.14 2.05 -13.16
N VAL A 62 -4.74 3.09 -12.49
CA VAL A 62 -3.38 3.62 -12.67
C VAL A 62 -2.66 3.46 -11.36
N SER A 63 -3.10 2.48 -10.57
CA SER A 63 -2.23 2.22 -9.38
C SER A 63 -0.87 1.75 -9.99
N CYS A 64 0.16 2.05 -9.18
CA CYS A 64 1.50 1.71 -9.57
C CYS A 64 2.33 1.76 -8.30
N GLY A 65 3.26 0.75 -8.28
CA GLY A 65 4.17 0.65 -7.16
C GLY A 65 5.19 1.77 -7.09
N GLY A 66 5.52 2.14 -5.86
CA GLY A 66 6.44 3.20 -5.53
C GLY A 66 5.75 4.56 -5.60
N ALA A 67 4.49 4.74 -6.00
CA ALA A 67 3.78 5.97 -6.15
C ALA A 67 3.68 6.71 -4.84
N LEU A 68 4.13 7.96 -4.89
CA LEU A 68 4.00 8.77 -3.66
C LEU A 68 2.64 9.47 -3.79
N ILE A 69 2.21 10.21 -2.76
CA ILE A 69 0.94 10.94 -2.81
C ILE A 69 1.05 12.03 -3.90
N HIS A 70 2.21 12.71 -3.94
CA HIS A 70 2.30 13.77 -4.97
C HIS A 70 2.45 13.31 -6.39
N HIS A 71 2.52 12.04 -6.67
CA HIS A 71 2.51 11.47 -8.03
C HIS A 71 1.06 11.42 -8.55
N PHE A 72 0.11 11.81 -7.73
CA PHE A 72 -1.29 11.93 -8.09
C PHE A 72 -1.27 13.20 -9.00
N TRP A 73 -0.35 14.14 -8.70
CA TRP A 73 -0.23 15.34 -9.50
C TRP A 73 1.13 15.62 -10.12
N GLU A 74 2.13 14.77 -10.05
CA GLU A 74 3.44 14.88 -10.69
C GLU A 74 3.82 13.63 -11.46
N LYS A 75 4.75 13.66 -12.40
CA LYS A 75 5.15 12.48 -13.15
C LYS A 75 5.93 11.47 -12.29
N GLN A 76 5.59 10.21 -12.48
CA GLN A 76 6.28 9.14 -11.79
C GLN A 76 7.36 8.62 -12.73
N GLU A 77 8.48 8.54 -12.11
CA GLU A 77 9.69 8.00 -12.75
C GLU A 77 9.88 6.56 -12.27
N LEU A 78 9.70 5.69 -13.21
CA LEU A 78 9.87 4.23 -13.06
C LEU A 78 11.36 3.86 -13.05
N PRO A 79 11.78 2.79 -12.38
CA PRO A 79 13.18 2.38 -12.28
C PRO A 79 13.75 1.98 -13.61
N PHE A 80 15.04 2.19 -13.59
CA PHE A 80 16.07 1.87 -14.61
C PHE A 80 16.00 2.61 -15.94
N GLY A 81 15.04 3.54 -16.03
CA GLY A 81 14.82 4.40 -17.20
C GLY A 81 13.63 3.93 -18.05
N ALA A 82 12.84 3.19 -17.24
CA ALA A 82 11.61 2.56 -17.76
C ALA A 82 10.97 3.74 -18.46
N GLY A 83 10.79 4.83 -17.71
CA GLY A 83 10.24 6.10 -18.22
C GLY A 83 9.46 6.82 -17.12
N GLU A 84 8.79 7.88 -17.53
CA GLU A 84 7.99 8.75 -16.65
C GLU A 84 6.55 8.44 -17.05
N LEU A 85 5.85 8.26 -15.93
CA LEU A 85 4.37 8.02 -16.11
C LEU A 85 3.75 9.40 -15.83
N PRO A 86 2.60 9.62 -16.42
CA PRO A 86 1.92 10.91 -16.21
C PRO A 86 1.21 10.94 -14.89
N PRO A 87 0.86 12.09 -14.36
CA PRO A 87 0.11 12.18 -13.09
C PRO A 87 -1.08 11.27 -13.07
N GLN A 88 -1.28 10.60 -11.93
CA GLN A 88 -2.50 9.77 -11.88
C GLN A 88 -3.76 10.65 -12.02
N GLN A 89 -3.78 11.98 -11.69
CA GLN A 89 -4.97 12.84 -11.74
C GLN A 89 -5.50 12.93 -13.15
N ASP A 90 -4.63 12.71 -14.10
CA ASP A 90 -4.91 12.65 -15.50
C ASP A 90 -5.90 11.57 -15.83
N ALA A 91 -6.19 10.54 -15.09
CA ALA A 91 -7.15 9.50 -15.42
C ALA A 91 -8.59 9.89 -15.11
N LEU A 92 -8.76 10.87 -14.26
CA LEU A 92 -10.11 11.29 -13.89
C LEU A 92 -10.81 12.01 -15.03
N LYS A 93 -12.14 11.86 -15.11
CA LYS A 93 -12.96 12.58 -16.12
C LYS A 93 -14.08 13.27 -15.36
N GLN A 94 -14.67 14.31 -15.90
CA GLN A 94 -15.79 15.00 -15.21
C GLN A 94 -17.03 14.16 -14.88
N ASP A 95 -17.23 13.16 -15.72
CA ASP A 95 -18.25 12.14 -15.62
C ASP A 95 -17.82 10.96 -14.73
N THR A 96 -16.63 10.94 -14.20
CA THR A 96 -16.15 9.98 -13.24
C THR A 96 -16.97 10.15 -11.95
N GLN A 97 -17.67 9.13 -11.46
CA GLN A 97 -18.48 9.15 -10.26
C GLN A 97 -17.94 8.43 -9.04
N LEU A 98 -16.87 7.66 -9.12
CA LEU A 98 -16.28 6.90 -7.99
C LEU A 98 -14.76 6.77 -8.14
N THR A 99 -14.05 7.23 -7.09
CA THR A 99 -12.58 7.11 -7.16
C THR A 99 -12.12 6.33 -5.91
N VAL A 100 -11.36 5.28 -6.06
CA VAL A 100 -10.86 4.36 -5.03
C VAL A 100 -9.35 4.06 -5.12
N GLY A 101 -8.61 4.18 -4.04
CA GLY A 101 -7.15 3.93 -4.12
C GLY A 101 -6.62 4.21 -2.74
N SER A 102 -5.40 3.89 -2.44
CA SER A 102 -4.61 4.00 -1.25
C SER A 102 -3.37 4.76 -1.68
N LEU A 103 -3.07 5.82 -1.00
CA LEU A 103 -1.86 6.60 -1.30
C LEU A 103 -1.39 7.06 0.09
N GLY A 104 -0.07 7.15 0.21
CA GLY A 104 0.42 7.65 1.52
C GLY A 104 1.55 6.92 2.19
N GLY A 105 1.47 5.60 2.14
CA GLY A 105 2.54 4.85 2.81
C GLY A 105 3.91 5.35 2.38
N ASN A 106 4.16 5.60 1.10
CA ASN A 106 5.43 6.00 0.51
C ASN A 106 5.86 7.44 0.80
N THR A 107 4.82 8.26 1.04
CA THR A 107 5.11 9.66 1.33
C THR A 107 5.54 9.54 2.78
N LEU A 108 4.85 8.71 3.58
CA LEU A 108 5.33 8.61 4.98
C LEU A 108 6.76 8.06 4.78
N GLY A 109 6.93 7.07 3.91
CA GLY A 109 8.17 6.42 3.51
C GLY A 109 8.38 5.20 4.38
N PHE A 110 7.37 4.37 4.41
CA PHE A 110 7.35 3.15 5.22
C PHE A 110 8.43 2.27 4.62
N ASN A 111 8.83 2.38 3.38
CA ASN A 111 9.90 1.60 2.78
C ASN A 111 11.25 1.98 3.40
N ARG A 112 11.45 3.28 3.63
CA ARG A 112 12.70 3.71 4.29
C ARG A 112 12.77 3.29 5.74
N ILE A 113 11.67 3.02 6.43
CA ILE A 113 11.60 2.58 7.81
C ILE A 113 11.90 1.09 7.85
N LEU A 114 11.52 0.37 6.80
CA LEU A 114 11.86 -1.09 6.70
C LEU A 114 13.38 -1.20 6.50
N LYS A 115 13.97 -0.61 5.45
CA LYS A 115 15.42 -0.62 5.21
C LYS A 115 16.22 -0.10 6.39
N GLN A 116 15.74 0.88 7.15
CA GLN A 116 16.42 1.40 8.32
C GLN A 116 16.54 0.22 9.31
N CYS A 117 15.45 -0.46 9.59
CA CYS A 117 15.55 -1.58 10.51
C CYS A 117 16.14 -2.86 9.89
N SER A 118 16.58 -2.86 8.62
CA SER A 118 17.13 -4.18 8.19
C SER A 118 18.24 -4.05 7.18
N ASP A 119 19.40 -4.61 7.60
CA ASP A 119 20.60 -4.60 6.75
C ASP A 119 20.37 -5.56 5.59
N GLU A 120 19.55 -6.55 5.75
CA GLU A 120 19.30 -7.45 4.59
C GLU A 120 18.66 -6.64 3.49
N LEU A 121 17.79 -5.71 4.00
CA LEU A 121 16.96 -4.82 3.15
C LEU A 121 17.84 -3.68 2.69
N ARG A 122 18.89 -3.35 3.39
CA ARG A 122 19.80 -2.31 2.96
C ARG A 122 20.64 -2.70 1.73
N LYS A 123 20.68 -3.93 1.28
CA LYS A 123 21.35 -4.37 0.10
C LYS A 123 20.34 -4.27 -1.04
N PRO A 124 20.83 -4.43 -2.25
CA PRO A 124 19.99 -4.34 -3.47
C PRO A 124 18.73 -5.19 -3.42
N SER A 125 17.64 -4.50 -3.66
CA SER A 125 16.28 -4.99 -3.65
C SER A 125 15.47 -4.07 -4.55
N LEU A 126 14.35 -4.67 -4.93
CA LEU A 126 13.38 -3.96 -5.77
C LEU A 126 12.41 -3.15 -4.89
N LEU A 127 12.78 -2.82 -3.67
CA LEU A 127 11.93 -2.03 -2.76
C LEU A 127 12.57 -0.63 -2.87
N PRO A 128 11.76 0.35 -3.31
CA PRO A 128 12.30 1.70 -3.50
C PRO A 128 12.73 2.35 -2.20
N GLY A 129 13.67 3.30 -2.26
CA GLY A 129 14.05 3.96 -1.00
C GLY A 129 15.42 3.60 -0.44
N ASP A 130 15.92 4.39 0.50
CA ASP A 130 17.13 4.44 1.28
C ASP A 130 16.85 4.46 2.77
N PRO A 131 17.70 3.97 3.65
CA PRO A 131 17.42 4.04 5.10
C PRO A 131 17.18 5.48 5.47
N VAL A 132 16.54 5.88 6.56
CA VAL A 132 16.45 7.38 6.71
C VAL A 132 17.90 7.69 7.07
N ASP A 133 18.45 7.31 8.22
CA ASP A 133 19.87 7.50 8.59
C ASP A 133 20.64 6.24 8.13
N GLY A 134 21.24 6.24 6.96
CA GLY A 134 22.00 5.01 6.57
C GLY A 134 23.25 4.69 7.38
N ASP A 135 23.68 5.43 8.37
CA ASP A 135 24.88 5.26 9.20
C ASP A 135 24.48 4.57 10.53
N GLU A 136 23.28 5.01 11.00
CA GLU A 136 22.78 4.30 12.21
C GLU A 136 22.71 2.83 11.76
N PRO A 137 22.77 1.91 12.70
CA PRO A 137 22.74 0.47 12.33
C PRO A 137 21.38 -0.16 12.57
N ALA A 138 21.03 -0.95 11.54
CA ALA A 138 19.79 -1.70 11.44
C ALA A 138 19.28 -1.97 12.84
N ALA A 139 20.05 -2.74 13.59
CA ALA A 139 19.78 -3.17 14.96
C ALA A 139 19.26 -2.17 15.99
N LYS A 140 19.72 -0.96 15.85
CA LYS A 140 19.41 0.13 16.77
C LYS A 140 18.16 0.86 16.36
N CYS A 141 17.65 0.46 15.20
CA CYS A 141 16.43 1.09 14.64
C CYS A 141 15.28 1.19 15.63
N GLY A 142 15.05 0.35 16.62
CA GLY A 142 13.82 0.67 17.41
C GLY A 142 13.95 1.83 18.38
N GLU A 143 15.11 2.43 18.40
CA GLU A 143 15.57 3.49 19.31
C GLU A 143 15.61 4.79 18.52
N PHE A 144 16.21 4.58 17.36
CA PHE A 144 16.45 5.60 16.36
C PHE A 144 15.15 6.35 16.06
N PHE A 145 14.08 5.57 15.88
CA PHE A 145 12.75 6.18 15.63
C PHE A 145 11.99 6.47 16.94
N GLY A 146 12.36 5.84 18.04
CA GLY A 146 11.66 6.05 19.33
C GLY A 146 12.31 7.14 20.18
N THR A 147 13.62 7.36 19.92
CA THR A 147 14.28 8.37 20.76
C THR A 147 15.23 9.21 20.01
N GLY A 148 15.81 8.64 18.98
CA GLY A 148 16.79 9.32 18.13
C GLY A 148 16.22 10.43 17.27
N ASP A 149 17.02 10.66 16.22
CA ASP A 149 16.71 11.61 15.15
C ASP A 149 15.47 11.20 14.30
N GLY A 150 15.26 9.88 14.26
CA GLY A 150 14.16 9.19 13.58
C GLY A 150 12.86 9.74 14.20
N LYS A 151 12.88 9.84 15.53
CA LYS A 151 11.65 10.36 16.17
C LYS A 151 11.19 11.68 15.55
N GLN A 152 12.15 12.57 15.23
CA GLN A 152 11.72 13.88 14.69
C GLN A 152 11.46 13.79 13.18
N TRP A 153 12.23 12.88 12.56
CA TRP A 153 12.05 12.70 11.10
C TRP A 153 10.61 12.20 10.87
N LEU A 154 10.05 11.41 11.77
CA LEU A 154 8.70 10.92 11.71
C LEU A 154 7.61 12.02 11.76
N ASP A 155 7.79 12.98 12.67
CA ASP A 155 6.77 14.05 12.84
C ASP A 155 6.92 14.96 11.63
N ASP A 156 8.03 14.94 10.94
CA ASP A 156 8.09 15.87 9.80
C ASP A 156 7.27 15.30 8.64
N GLN A 157 7.49 14.00 8.44
CA GLN A 157 6.91 13.19 7.37
C GLN A 157 5.40 13.11 7.49
N PHE A 158 4.98 13.08 8.72
CA PHE A 158 3.59 12.98 9.13
C PHE A 158 2.78 14.27 8.89
N GLU A 159 3.53 15.35 8.81
CA GLU A 159 3.06 16.70 8.58
C GLU A 159 2.95 16.84 7.07
N ARG A 160 3.89 16.28 6.36
CA ARG A 160 3.77 16.38 4.89
C ARG A 160 2.61 15.48 4.39
N VAL A 161 2.53 14.32 5.05
CA VAL A 161 1.47 13.34 4.72
C VAL A 161 0.09 14.03 4.89
N GLY A 162 -0.26 14.69 5.98
CA GLY A 162 -1.56 15.31 6.13
C GLY A 162 -1.82 16.43 5.13
N ALA A 163 -0.79 17.21 4.85
CA ALA A 163 -1.03 18.33 3.91
C ALA A 163 -1.33 17.77 2.54
N GLU A 164 -0.54 16.81 2.08
CA GLU A 164 -0.68 16.16 0.78
C GLU A 164 -1.95 15.34 0.67
N LEU A 165 -2.58 14.75 1.69
CA LEU A 165 -3.76 13.89 1.50
C LEU A 165 -4.93 14.84 1.27
N GLU A 166 -4.76 15.96 1.96
CA GLU A 166 -5.80 17.03 1.87
C GLU A 166 -5.74 17.55 0.45
N GLU A 167 -4.53 17.76 -0.06
CA GLU A 167 -4.40 18.20 -1.44
C GLU A 167 -4.91 17.17 -2.42
N LEU A 168 -4.61 15.87 -2.20
CA LEU A 168 -5.05 14.77 -3.04
C LEU A 168 -6.56 14.83 -3.04
N LEU A 169 -7.19 14.94 -1.88
CA LEU A 169 -8.66 14.96 -1.81
C LEU A 169 -9.25 16.13 -2.57
N ASP A 170 -8.53 17.23 -2.67
CA ASP A 170 -9.02 18.44 -3.32
C ASP A 170 -8.82 18.28 -4.79
N ARG A 171 -7.79 17.77 -5.39
CA ARG A 171 -7.77 17.70 -6.86
C ARG A 171 -8.82 16.76 -7.40
N ILE A 172 -9.22 15.77 -6.63
CA ILE A 172 -10.24 14.79 -7.06
C ILE A 172 -11.51 15.58 -7.27
N GLY A 173 -11.83 16.25 -6.19
CA GLY A 173 -12.98 17.17 -6.00
C GLY A 173 -13.10 18.23 -7.11
N TYR A 174 -12.06 18.70 -7.72
CA TYR A 174 -11.81 19.64 -8.74
C TYR A 174 -12.04 19.08 -10.13
N PHE A 175 -11.50 17.90 -10.35
CA PHE A 175 -11.53 17.21 -11.64
C PHE A 175 -12.67 16.23 -11.76
N ALA A 176 -13.17 15.63 -10.72
CA ALA A 176 -14.26 14.64 -10.79
C ALA A 176 -15.15 15.08 -9.64
N PRO A 177 -15.82 16.21 -9.97
CA PRO A 177 -16.68 16.88 -9.02
C PRO A 177 -17.86 16.08 -8.49
N ASP A 178 -18.22 15.05 -9.22
CA ASP A 178 -19.35 14.19 -8.92
C ASP A 178 -19.03 12.85 -8.32
N ALA A 179 -17.72 12.70 -8.25
CA ALA A 179 -17.05 11.52 -7.72
C ALA A 179 -17.12 11.46 -6.21
N LYS A 180 -17.45 10.25 -5.81
CA LYS A 180 -17.47 9.75 -4.43
C LYS A 180 -16.00 9.33 -4.21
N ARG A 181 -15.32 9.70 -3.17
CA ARG A 181 -13.93 9.42 -2.90
C ARG A 181 -13.85 8.46 -1.77
N VAL A 182 -13.11 7.40 -2.04
CA VAL A 182 -12.80 6.28 -1.16
C VAL A 182 -11.27 6.15 -1.06
N LEU A 183 -10.86 6.38 0.16
CA LEU A 183 -9.42 6.29 0.51
C LEU A 183 -9.35 4.91 1.19
N VAL A 184 -8.50 4.00 0.73
CA VAL A 184 -8.33 2.65 1.32
C VAL A 184 -7.11 2.70 2.25
N GLY A 185 -7.34 2.35 3.51
CA GLY A 185 -6.26 2.28 4.49
C GLY A 185 -5.44 1.02 4.18
N TYR A 186 -4.28 0.78 4.76
CA TYR A 186 -3.33 -0.38 4.60
C TYR A 186 -3.68 -1.45 5.61
N PRO A 187 -3.60 -2.76 5.32
CA PRO A 187 -3.98 -3.74 6.38
C PRO A 187 -2.89 -3.78 7.40
N ARG A 188 -3.16 -4.34 8.57
CA ARG A 188 -2.19 -4.40 9.67
C ARG A 188 -1.03 -5.27 9.34
N LEU A 189 0.16 -4.76 9.60
CA LEU A 189 1.38 -5.58 9.30
C LEU A 189 1.85 -6.44 10.48
N VAL A 190 1.97 -5.84 11.67
CA VAL A 190 2.38 -6.47 12.91
C VAL A 190 1.24 -6.67 13.90
N PRO A 191 1.12 -7.85 14.52
CA PRO A 191 0.02 -8.03 15.48
C PRO A 191 0.28 -7.35 16.83
N GLU A 192 -0.81 -7.29 17.61
CA GLU A 192 -0.81 -6.68 18.94
C GLU A 192 0.14 -7.49 19.80
N ASP A 193 0.28 -8.77 19.63
CA ASP A 193 1.19 -9.67 20.32
C ASP A 193 2.38 -9.98 19.40
N THR A 194 3.44 -9.18 19.48
CA THR A 194 4.55 -9.48 18.59
C THR A 194 5.22 -10.81 18.74
N THR A 195 5.04 -11.46 19.89
CA THR A 195 5.76 -12.75 20.12
C THR A 195 5.45 -13.65 18.95
N LYS A 196 4.30 -13.60 18.32
CA LYS A 196 3.92 -14.40 17.17
C LYS A 196 4.81 -14.17 15.97
N CYS A 197 5.63 -13.14 15.98
CA CYS A 197 6.46 -12.86 14.80
C CYS A 197 7.74 -13.63 14.90
N LEU A 198 7.93 -14.12 16.10
CA LEU A 198 9.12 -14.92 16.47
C LEU A 198 9.24 -16.31 15.84
N THR A 199 8.16 -16.82 15.30
CA THR A 199 8.07 -18.10 14.65
C THR A 199 8.09 -17.90 13.17
N ALA A 200 8.55 -18.79 12.36
CA ALA A 200 8.52 -18.68 10.90
C ALA A 200 7.18 -19.32 10.52
N ALA A 201 6.53 -18.74 9.53
CA ALA A 201 5.23 -19.21 9.03
C ALA A 201 5.44 -20.60 8.39
N PRO A 202 4.42 -21.43 8.61
CA PRO A 202 4.29 -22.79 8.11
C PRO A 202 4.74 -22.85 6.66
N GLY A 203 5.88 -23.55 6.55
CA GLY A 203 6.52 -23.78 5.25
C GLY A 203 7.59 -22.79 4.83
N GLN A 204 7.83 -21.86 5.73
CA GLN A 204 8.77 -20.75 5.56
C GLN A 204 9.97 -21.12 6.41
N THR A 205 11.05 -20.66 5.86
CA THR A 205 12.33 -20.80 6.55
C THR A 205 12.64 -19.39 7.05
N GLN A 206 12.20 -18.28 6.36
CA GLN A 206 12.51 -17.01 7.02
C GLN A 206 11.38 -16.48 7.89
N LEU A 207 11.81 -15.65 8.83
CA LEU A 207 10.82 -15.03 9.78
C LEU A 207 10.00 -13.98 9.01
N PRO A 208 8.85 -13.58 9.57
CA PRO A 208 7.98 -12.67 8.84
C PRO A 208 8.70 -11.41 8.41
N PHE A 209 9.41 -10.80 9.34
CA PHE A 209 10.14 -9.56 9.11
C PHE A 209 11.62 -9.78 9.16
N ALA A 210 12.17 -10.85 8.65
CA ALA A 210 13.61 -11.17 8.57
C ALA A 210 14.48 -10.81 9.76
N ASP A 211 15.46 -9.91 9.55
CA ASP A 211 16.43 -9.39 10.52
C ASP A 211 16.08 -8.16 11.37
N ILE A 212 14.81 -7.90 11.34
CA ILE A 212 14.29 -6.71 12.06
C ILE A 212 14.19 -7.12 13.52
N PRO A 213 14.94 -6.32 14.28
CA PRO A 213 15.03 -6.54 15.73
C PRO A 213 13.64 -6.70 16.28
N GLN A 214 13.23 -7.73 16.94
CA GLN A 214 11.96 -8.02 17.60
C GLN A 214 11.39 -6.92 18.48
N ASP A 215 12.32 -6.06 18.87
CA ASP A 215 12.07 -4.89 19.75
C ASP A 215 11.57 -3.70 18.93
N ALA A 216 11.95 -3.73 17.66
CA ALA A 216 11.55 -2.80 16.62
C ALA A 216 10.12 -3.10 16.20
N LEU A 217 9.52 -4.25 16.22
CA LEU A 217 8.14 -4.57 15.81
C LEU A 217 7.01 -3.73 16.38
N PRO A 218 6.93 -3.48 17.68
CA PRO A 218 5.91 -2.66 18.31
C PRO A 218 5.99 -1.17 17.91
N VAL A 219 7.12 -0.73 17.42
CA VAL A 219 7.28 0.68 17.03
C VAL A 219 6.72 0.86 15.60
N LEU A 220 7.00 -0.22 14.83
CA LEU A 220 6.53 -0.37 13.47
C LEU A 220 5.01 -0.35 13.57
N ASP A 221 4.30 -0.96 14.48
CA ASP A 221 2.85 -0.95 14.53
C ASP A 221 2.40 0.40 14.95
N GLN A 222 3.14 0.97 15.89
CA GLN A 222 2.84 2.33 16.49
C GLN A 222 2.78 3.26 15.30
N ILE A 223 3.83 3.27 14.50
CA ILE A 223 3.93 4.05 13.26
C ILE A 223 2.84 3.65 12.26
N GLN A 224 2.29 2.46 12.11
CA GLN A 224 1.23 2.23 11.12
C GLN A 224 -0.06 2.76 11.69
N LYS A 225 -0.25 2.60 12.97
CA LYS A 225 -1.47 3.07 13.67
C LYS A 225 -1.78 4.54 13.31
N ARG A 226 -0.82 5.40 13.49
CA ARG A 226 -0.58 6.79 13.25
C ARG A 226 -0.92 7.17 11.82
N LEU A 227 -0.25 6.49 10.90
CA LEU A 227 -0.53 6.68 9.49
C LEU A 227 -2.00 6.32 9.28
N ASN A 228 -2.58 5.37 9.95
CA ASN A 228 -3.95 4.94 9.79
C ASN A 228 -4.77 6.14 10.22
N ASP A 229 -4.51 6.67 11.39
CA ASP A 229 -5.24 7.80 11.94
C ASP A 229 -5.10 9.07 11.08
N ALA A 230 -3.93 9.26 10.50
CA ALA A 230 -3.71 10.42 9.65
C ALA A 230 -4.65 10.27 8.46
N MET A 231 -4.71 9.05 7.91
CA MET A 231 -5.56 8.82 6.73
C MET A 231 -7.02 8.98 7.05
N LYS A 232 -7.54 8.56 8.15
CA LYS A 232 -8.95 8.62 8.58
C LYS A 232 -9.33 10.08 8.70
N LYS A 233 -8.46 10.85 9.35
CA LYS A 233 -8.75 12.27 9.54
C LYS A 233 -8.89 13.02 8.21
N ALA A 234 -7.90 12.79 7.38
CA ALA A 234 -7.72 13.31 6.03
C ALA A 234 -9.03 13.13 5.29
N ALA A 235 -9.65 11.98 5.31
CA ALA A 235 -10.90 11.67 4.66
C ALA A 235 -12.11 12.29 5.36
N ALA A 236 -12.12 12.24 6.72
CA ALA A 236 -13.33 12.81 7.37
C ALA A 236 -13.45 14.27 6.93
N ASP A 237 -12.34 14.99 7.13
CA ASP A 237 -12.15 16.40 6.80
C ASP A 237 -12.21 16.72 5.32
N GLY A 238 -12.21 15.76 4.42
CA GLY A 238 -12.16 16.12 2.98
C GLY A 238 -13.38 15.61 2.31
N GLY A 239 -14.31 15.02 3.07
CA GLY A 239 -15.51 14.57 2.37
C GLY A 239 -15.34 13.25 1.70
N ALA A 240 -14.32 12.46 1.96
CA ALA A 240 -14.03 11.12 1.45
C ALA A 240 -14.56 10.09 2.43
N ASP A 241 -14.68 8.87 2.00
CA ASP A 241 -15.08 7.67 2.77
C ASP A 241 -13.77 6.90 3.03
N PHE A 242 -13.65 6.18 4.11
CA PHE A 242 -12.33 5.50 4.31
C PHE A 242 -12.66 4.07 4.64
N VAL A 243 -11.85 3.20 4.06
CA VAL A 243 -11.85 1.75 4.24
C VAL A 243 -10.63 1.46 5.17
N ASP A 244 -10.99 1.25 6.41
CA ASP A 244 -10.15 0.98 7.59
C ASP A 244 -9.76 -0.51 7.58
N LEU A 245 -8.73 -0.84 6.83
CA LEU A 245 -8.32 -2.25 6.77
C LEU A 245 -7.54 -2.71 8.03
N TYR A 246 -6.76 -1.84 8.64
CA TYR A 246 -5.99 -2.04 9.84
C TYR A 246 -6.85 -2.57 10.94
N ALA A 247 -7.96 -2.00 11.26
CA ALA A 247 -8.87 -2.40 12.34
C ALA A 247 -9.37 -3.83 12.15
N GLY A 248 -9.53 -4.46 11.00
CA GLY A 248 -9.98 -5.86 10.93
C GLY A 248 -8.92 -6.82 10.46
N THR A 249 -7.66 -6.49 10.46
CA THR A 249 -6.64 -7.46 9.98
C THR A 249 -5.75 -7.83 11.15
N GLY A 250 -6.28 -7.64 12.34
CA GLY A 250 -5.49 -7.93 13.52
C GLY A 250 -5.04 -9.37 13.71
N ALA A 251 -5.52 -10.40 13.04
CA ALA A 251 -5.25 -11.79 13.02
C ALA A 251 -4.96 -12.22 11.60
N ASN A 252 -4.59 -11.36 10.65
CA ASN A 252 -4.29 -11.71 9.24
C ASN A 252 -3.00 -10.97 8.90
N THR A 253 -2.24 -10.65 9.94
CA THR A 253 -0.97 -9.93 9.79
C THR A 253 0.08 -10.84 9.22
N ALA A 254 1.27 -10.26 9.12
CA ALA A 254 2.50 -10.84 8.63
C ALA A 254 2.83 -12.11 9.42
N CYS A 255 2.58 -12.10 10.69
CA CYS A 255 2.80 -13.08 11.73
C CYS A 255 1.66 -13.98 12.13
N ASP A 256 0.57 -14.19 11.41
CA ASP A 256 -0.57 -15.03 11.77
C ASP A 256 -0.60 -16.38 11.06
N GLY A 257 0.64 -16.75 10.80
CA GLY A 257 1.08 -18.05 10.26
C GLY A 257 0.42 -18.39 8.95
N ALA A 258 -0.58 -19.25 8.96
CA ALA A 258 -1.20 -19.54 7.65
C ALA A 258 -2.45 -18.71 7.45
N ASP A 259 -2.76 -17.84 8.39
CA ASP A 259 -3.95 -16.98 8.17
C ASP A 259 -3.49 -15.55 7.80
N ARG A 260 -2.23 -15.39 7.58
CA ARG A 260 -1.52 -14.18 7.22
C ARG A 260 -2.03 -13.70 5.86
N GLY A 261 -2.18 -12.40 5.77
CA GLY A 261 -2.62 -11.77 4.53
C GLY A 261 -1.49 -10.88 4.00
N ILE A 262 -0.41 -10.74 4.71
CA ILE A 262 0.78 -10.01 4.26
C ILE A 262 1.92 -10.96 3.88
N GLY A 263 2.39 -11.15 2.66
CA GLY A 263 3.49 -12.02 2.34
C GLY A 263 4.67 -11.45 3.13
N GLY A 264 5.60 -12.24 3.60
CA GLY A 264 6.79 -11.92 4.36
C GLY A 264 7.73 -11.00 3.62
N LEU A 265 8.72 -10.43 4.30
CA LEU A 265 9.73 -9.49 3.77
C LEU A 265 10.61 -10.16 2.73
N LEU A 266 11.18 -11.33 3.11
CA LEU A 266 12.01 -12.12 2.24
C LEU A 266 11.23 -13.29 1.66
N GLU A 267 9.96 -13.53 1.92
CA GLU A 267 9.17 -14.68 1.40
C GLU A 267 8.98 -14.51 -0.10
N ASP A 268 8.75 -15.54 -0.89
CA ASP A 268 8.67 -15.30 -2.32
C ASP A 268 7.31 -14.95 -2.82
N SER A 269 7.32 -13.97 -3.71
CA SER A 269 6.00 -13.59 -4.28
C SER A 269 5.84 -14.65 -5.36
N GLN A 270 4.99 -14.28 -6.31
CA GLN A 270 4.64 -15.04 -7.52
C GLN A 270 5.39 -14.43 -8.70
N LEU A 271 6.10 -13.36 -8.36
CA LEU A 271 6.84 -12.64 -9.40
C LEU A 271 8.18 -13.29 -9.76
N GLU A 272 8.28 -13.52 -11.05
CA GLU A 272 9.55 -14.13 -11.51
C GLU A 272 10.29 -13.21 -12.44
N LEU A 273 11.51 -12.83 -12.11
CA LEU A 273 12.24 -11.94 -13.02
C LEU A 273 13.19 -12.78 -13.86
N LEU A 274 14.38 -13.27 -13.55
CA LEU A 274 15.01 -14.09 -14.71
C LEU A 274 14.68 -15.50 -14.36
N GLY A 275 15.04 -16.12 -13.26
CA GLY A 275 14.49 -17.53 -13.00
C GLY A 275 14.35 -17.36 -11.48
N THR A 276 13.74 -16.25 -11.10
CA THR A 276 13.71 -15.99 -9.66
C THR A 276 12.40 -15.44 -9.14
N LYS A 277 12.03 -15.83 -7.93
CA LYS A 277 10.82 -15.30 -7.29
C LYS A 277 11.37 -13.99 -6.70
N ILE A 278 10.55 -12.98 -6.73
CA ILE A 278 10.97 -11.72 -6.09
C ILE A 278 10.16 -11.84 -4.80
N PRO A 279 10.75 -11.39 -3.71
CA PRO A 279 10.06 -11.49 -2.41
C PRO A 279 8.82 -10.62 -2.28
N TRP A 280 7.90 -10.79 -1.37
CA TRP A 280 6.69 -10.07 -1.12
C TRP A 280 7.02 -8.65 -0.70
N TYR A 281 7.95 -8.52 0.23
CA TYR A 281 8.37 -7.24 0.75
C TYR A 281 7.25 -6.70 1.63
N ALA A 282 6.58 -7.53 2.39
CA ALA A 282 5.53 -6.95 3.24
C ALA A 282 4.31 -6.51 2.47
N HIS A 283 3.95 -7.05 1.34
CA HIS A 283 2.74 -6.64 0.59
C HIS A 283 1.64 -7.67 0.68
N PRO A 284 0.40 -7.33 0.47
CA PRO A 284 -0.66 -8.37 0.58
C PRO A 284 -0.38 -9.56 -0.34
N ASN A 285 -0.96 -10.66 0.08
CA ASN A 285 -0.84 -11.94 -0.61
C ASN A 285 -2.27 -12.22 -1.08
N ASP A 286 -2.50 -13.42 -1.56
CA ASP A 286 -3.81 -13.86 -2.05
C ASP A 286 -4.85 -13.63 -0.97
N LYS A 287 -4.61 -14.15 0.21
CA LYS A 287 -5.57 -13.95 1.31
C LYS A 287 -5.75 -12.46 1.56
N GLY A 288 -4.66 -11.74 1.78
CA GLY A 288 -4.70 -10.30 2.08
C GLY A 288 -5.36 -9.63 0.93
N ARG A 289 -5.22 -9.92 -0.33
CA ARG A 289 -5.83 -9.33 -1.48
C ARG A 289 -7.32 -9.65 -1.49
N ASP A 290 -7.75 -10.80 -0.97
CA ASP A 290 -9.17 -11.14 -0.94
C ASP A 290 -9.82 -10.30 0.15
N ILE A 291 -9.15 -9.98 1.23
CA ILE A 291 -9.74 -9.20 2.34
C ILE A 291 -10.09 -7.77 1.94
N GLN A 292 -9.18 -7.23 1.16
CA GLN A 292 -9.02 -5.94 0.60
C GLN A 292 -10.18 -5.86 -0.35
N ALA A 293 -10.34 -6.75 -1.25
CA ALA A 293 -11.37 -6.75 -2.27
C ALA A 293 -12.73 -6.75 -1.62
N LYS A 294 -12.93 -7.65 -0.65
CA LYS A 294 -14.13 -7.85 0.14
C LYS A 294 -14.49 -6.59 0.88
N GLN A 295 -13.68 -6.04 1.72
CA GLN A 295 -13.81 -4.83 2.55
C GLN A 295 -14.09 -3.64 1.64
N VAL A 296 -13.46 -3.53 0.52
CA VAL A 296 -13.62 -2.45 -0.46
C VAL A 296 -14.92 -2.66 -1.17
N ALA A 297 -15.21 -3.82 -1.61
CA ALA A 297 -16.49 -4.10 -2.29
C ALA A 297 -17.59 -3.75 -1.29
N ASP A 298 -17.51 -4.04 -0.05
CA ASP A 298 -18.43 -3.79 1.02
C ASP A 298 -18.70 -2.28 1.05
N LYS A 299 -17.86 -1.33 1.29
CA LYS A 299 -17.97 0.11 1.37
C LYS A 299 -18.64 0.77 0.18
N ILE A 300 -18.29 0.35 -1.02
CA ILE A 300 -18.81 0.85 -2.28
C ILE A 300 -20.30 0.58 -2.38
N GLU A 301 -20.71 -0.61 -2.02
CA GLU A 301 -22.05 -1.05 -2.01
C GLU A 301 -22.76 -0.14 -1.03
N GLU A 302 -22.22 0.02 0.15
CA GLU A 302 -22.81 0.85 1.19
C GLU A 302 -23.13 2.25 0.68
N ILE A 303 -22.11 2.90 0.20
CA ILE A 303 -21.95 4.21 -0.36
C ILE A 303 -22.83 4.38 -1.57
N LEU A 304 -23.14 3.36 -2.34
CA LEU A 304 -23.98 3.53 -3.55
C LEU A 304 -25.45 3.29 -3.26
N ASN A 305 -25.75 3.14 -1.99
CA ASN A 305 -27.08 2.88 -1.47
C ASN A 305 -27.54 3.86 -0.40
#